data_5KAX
#
_entry.id   5KAX
#
_cell.length_a   71.958
_cell.length_b   71.958
_cell.length_c   146.870
_cell.angle_alpha   90.00
_cell.angle_beta   90.00
_cell.angle_gamma   120.00
#
_symmetry.space_group_name_H-M   'P 65'
#
loop_
_entity.id
_entity.type
_entity.pdbx_description
1 polymer 'CTR107 protein'
2 non-polymer 'RHODAMINE 6G'
3 non-polymer GLYCEROL
4 water water
#
_entity_poly.entity_id   1
_entity_poly.type   'polypeptide(L)'
_entity_poly.pdbx_seq_one_letter_code
;MDFECQFVCELKELAPVPALLIRTQTTMSELGSLFEAGYHDILQLLAGQGKSPSGPPFARYFGMSAGTFEVEFGFPVEGG
VEGSGRVVTGLTPSGKAASSLYIGPYGEIEAVYDALMKWVDDNGFDLSGEAYEIYLDNPAETAPDQLRTRVSLMLHESLE
HHHHHH
;
_entity_poly.pdbx_strand_id   A,B
#
# COMPACT_ATOMS: atom_id res chain seq x y z
N MET A 1 12.27 32.39 -2.94
CA MET A 1 13.00 31.22 -2.38
C MET A 1 12.20 29.96 -2.67
N ASP A 2 11.84 29.80 -3.95
CA ASP A 2 11.14 28.61 -4.45
C ASP A 2 12.15 27.55 -4.90
N PHE A 3 11.93 26.29 -4.50
CA PHE A 3 12.84 25.18 -4.82
C PHE A 3 12.98 25.15 -6.31
N GLU A 4 14.13 24.70 -6.78
CA GLU A 4 14.28 24.55 -8.20
C GLU A 4 14.77 23.17 -8.60
N CYS A 5 14.06 22.64 -9.58
CA CYS A 5 14.25 21.29 -10.07
C CYS A 5 15.15 21.28 -11.29
N GLN A 6 15.65 22.46 -11.62
CA GLN A 6 16.49 22.68 -12.79
C GLN A 6 17.58 21.65 -13.00
N PHE A 7 18.24 21.28 -11.91
CA PHE A 7 19.42 20.42 -11.97
C PHE A 7 19.33 19.21 -11.07
N VAL A 8 18.58 19.32 -9.98
CA VAL A 8 18.58 18.24 -8.99
C VAL A 8 17.39 17.25 -9.10
N CYS A 9 16.30 17.65 -9.75
CA CYS A 9 15.16 16.76 -9.91
C CYS A 9 15.36 15.79 -11.05
N GLU A 10 14.85 14.60 -10.82
CA GLU A 10 15.08 13.50 -11.72
C GLU A 10 13.98 12.49 -11.66
N LEU A 11 13.96 11.61 -12.64
CA LEU A 11 13.04 10.51 -12.65
C LEU A 11 13.82 9.28 -12.28
N LYS A 12 13.36 8.60 -11.25
CA LYS A 12 13.96 7.36 -10.76
C LYS A 12 13.06 6.16 -11.05
N GLU A 13 13.69 5.03 -11.29
CA GLU A 13 13.01 3.76 -11.40
C GLU A 13 13.29 3.07 -10.10
N LEU A 14 12.25 2.77 -9.35
CA LEU A 14 12.41 2.29 -7.99
C LEU A 14 12.40 0.80 -7.94
N ALA A 15 13.42 0.24 -7.32
CA ALA A 15 13.47 -1.20 -7.11
C ALA A 15 12.77 -1.56 -5.79
N PRO A 16 11.68 -2.34 -5.86
CA PRO A 16 10.98 -2.73 -4.63
C PRO A 16 11.75 -3.72 -3.79
N VAL A 17 11.89 -3.42 -2.51
CA VAL A 17 12.54 -4.33 -1.60
C VAL A 17 11.68 -4.63 -0.38
N PRO A 18 12.03 -5.65 0.39
CA PRO A 18 11.16 -5.95 1.52
C PRO A 18 11.17 -4.86 2.58
N ALA A 19 10.09 -4.77 3.33
CA ALA A 19 9.92 -3.75 4.32
C ALA A 19 8.97 -4.26 5.36
N LEU A 20 9.01 -3.63 6.53
CA LEU A 20 7.99 -3.82 7.55
C LEU A 20 7.26 -2.52 7.71
N LEU A 21 5.94 -2.59 7.71
CA LEU A 21 5.12 -1.40 7.59
C LEU A 21 4.00 -1.37 8.58
N ILE A 22 3.54 -0.17 8.85
CA ILE A 22 2.34 0.11 9.59
C ILE A 22 1.46 0.82 8.54
N ARG A 23 0.28 0.24 8.27
CA ARG A 23 -0.65 0.75 7.30
C ARG A 23 -1.88 1.23 8.00
N THR A 24 -2.02 2.54 8.10
CA THR A 24 -3.12 3.14 8.82
C THR A 24 -3.57 4.50 8.27
N GLN A 25 -4.04 5.36 9.16
CA GLN A 25 -4.52 6.68 8.80
C GLN A 25 -4.33 7.62 9.97
N THR A 26 -4.20 8.90 9.67
CA THR A 26 -3.96 9.93 10.67
C THR A 26 -4.35 11.35 10.20
N THR A 27 -4.06 12.34 11.02
CA THR A 27 -4.33 13.72 10.67
C THR A 27 -3.01 14.43 10.80
N MET A 28 -2.89 15.63 10.24
CA MET A 28 -1.63 16.32 10.27
C MET A 28 -1.11 16.41 11.70
N SER A 29 -2.06 16.56 12.61
CA SER A 29 -1.75 16.89 13.99
C SER A 29 -1.29 15.68 14.76
N GLU A 30 -1.69 14.49 14.33
CA GLU A 30 -1.30 13.27 15.00
C GLU A 30 -0.12 12.56 14.33
N LEU A 31 0.42 13.13 13.25
CA LEU A 31 1.39 12.42 12.38
C LEU A 31 2.74 12.18 13.03
N GLY A 32 3.27 13.20 13.70
CA GLY A 32 4.50 13.06 14.46
C GLY A 32 4.41 12.05 15.59
N SER A 33 3.32 12.11 16.34
CA SER A 33 3.09 11.18 17.43
C SER A 33 3.10 9.78 16.89
N LEU A 34 2.39 9.62 15.78
CA LEU A 34 2.18 8.35 15.11
C LEU A 34 3.50 7.76 14.69
N PHE A 35 4.29 8.55 13.98
CA PHE A 35 5.57 8.11 13.47
C PHE A 35 6.52 7.70 14.57
N GLU A 36 6.67 8.55 15.56
CA GLU A 36 7.53 8.24 16.70
C GLU A 36 7.13 6.93 17.39
N ALA A 37 5.84 6.76 17.59
CA ALA A 37 5.30 5.52 18.14
C ALA A 37 5.52 4.30 17.26
N GLY A 38 5.09 4.38 16.00
CA GLY A 38 5.17 3.28 15.06
C GLY A 38 6.59 2.89 14.66
N TYR A 39 7.42 3.89 14.38
CA TYR A 39 8.78 3.63 13.98
C TYR A 39 9.52 2.94 15.13
N HIS A 40 9.25 3.36 16.35
CA HIS A 40 9.83 2.71 17.50
C HIS A 40 9.35 1.27 17.70
N ASP A 41 8.06 1.03 17.56
CA ASP A 41 7.51 -0.31 17.66
C ASP A 41 8.05 -1.28 16.60
N ILE A 42 8.34 -0.78 15.39
CA ILE A 42 8.91 -1.61 14.32
C ILE A 42 10.34 -2.00 14.66
N LEU A 43 11.15 -1.01 15.00
CA LEU A 43 12.50 -1.25 15.47
C LEU A 43 12.50 -2.26 16.60
N GLN A 44 11.62 -2.08 17.57
CA GLN A 44 11.41 -3.03 18.64
C GLN A 44 11.11 -4.43 18.10
N LEU A 45 10.26 -4.50 17.10
CA LEU A 45 9.91 -5.78 16.54
C LEU A 45 11.05 -6.43 15.77
N LEU A 46 11.85 -5.60 15.12
CA LEU A 46 13.02 -6.08 14.41
C LEU A 46 13.99 -6.69 15.39
N ALA A 47 14.32 -5.92 16.40
CA ALA A 47 15.14 -6.38 17.50
C ALA A 47 14.60 -7.67 18.14
N GLY A 48 13.28 -7.83 18.16
CA GLY A 48 12.67 -9.03 18.70
C GLY A 48 13.12 -10.28 17.99
N GLN A 49 13.59 -10.11 16.75
CA GLN A 49 14.08 -11.22 15.95
C GLN A 49 15.56 -11.09 15.73
N GLY A 50 16.19 -10.25 16.54
CA GLY A 50 17.61 -9.99 16.43
C GLY A 50 17.99 -9.54 15.04
N LYS A 51 17.11 -8.75 14.43
CA LYS A 51 17.36 -8.16 13.12
C LYS A 51 17.43 -6.64 13.21
N SER A 52 17.96 -6.04 12.15
CA SER A 52 18.22 -4.61 12.12
C SER A 52 17.58 -4.08 10.86
N PRO A 53 17.20 -2.81 10.84
CA PRO A 53 16.80 -2.26 9.55
C PRO A 53 17.97 -2.23 8.57
N SER A 54 17.61 -2.31 7.30
CA SER A 54 18.55 -2.32 6.20
C SER A 54 18.56 -0.96 5.45
N GLY A 55 17.85 0.02 5.98
CA GLY A 55 17.76 1.32 5.36
C GLY A 55 16.98 2.33 6.17
N PRO A 56 17.03 3.61 5.77
CA PRO A 56 16.31 4.60 6.56
C PRO A 56 14.81 4.45 6.39
N PRO A 57 14.07 5.06 7.31
CA PRO A 57 12.62 4.94 7.29
C PRO A 57 11.98 5.74 6.18
N PHE A 58 10.77 5.36 5.81
CA PHE A 58 10.04 6.06 4.79
C PHE A 58 8.55 6.14 5.11
N ALA A 59 7.85 7.00 4.37
CA ALA A 59 6.40 7.11 4.42
C ALA A 59 5.79 7.24 3.02
N ARG A 60 4.58 6.71 2.85
CA ARG A 60 3.79 6.90 1.65
C ARG A 60 2.45 7.55 1.96
N TYR A 61 2.09 8.51 1.12
CA TYR A 61 0.92 9.34 1.32
C TYR A 61 0.06 9.36 0.07
N PHE A 62 -1.19 9.73 0.26
CA PHE A 62 -2.13 9.92 -0.83
C PHE A 62 -3.32 10.66 -0.23
N GLY A 63 -3.76 11.71 -0.93
CA GLY A 63 -4.91 12.50 -0.50
C GLY A 63 -4.59 13.26 0.77
N MET A 64 -3.30 13.55 0.92
CA MET A 64 -2.74 14.03 2.17
C MET A 64 -3.26 15.42 2.52
N SER A 65 -2.97 15.84 3.75
CA SER A 65 -3.14 17.23 4.17
C SER A 65 -4.60 17.57 4.43
N ALA A 66 -5.51 16.71 3.95
CA ALA A 66 -6.93 16.96 4.06
C ALA A 66 -7.60 15.98 5.03
N GLY A 67 -8.01 16.54 6.16
CA GLY A 67 -8.69 15.83 7.23
C GLY A 67 -7.93 14.61 7.68
N THR A 68 -8.57 13.47 7.52
CA THR A 68 -7.98 12.21 7.87
C THR A 68 -7.54 11.55 6.59
N PHE A 69 -6.27 11.23 6.52
CA PHE A 69 -5.70 10.63 5.35
C PHE A 69 -4.85 9.39 5.54
N GLU A 70 -4.85 8.57 4.50
CA GLU A 70 -4.00 7.40 4.39
C GLU A 70 -2.49 7.63 4.65
N VAL A 71 -1.85 6.72 5.39
CA VAL A 71 -0.40 6.69 5.49
C VAL A 71 0.16 5.27 5.68
N GLU A 72 1.20 4.94 4.93
CA GLU A 72 2.01 3.75 5.15
C GLU A 72 3.44 4.14 5.47
N PHE A 73 3.99 3.68 6.59
CA PHE A 73 5.34 4.06 6.94
C PHE A 73 6.11 2.91 7.58
N GLY A 74 7.40 2.93 7.39
CA GLY A 74 8.22 1.86 7.91
C GLY A 74 9.67 1.91 7.51
N PHE A 75 10.26 0.72 7.49
CA PHE A 75 11.67 0.55 7.22
C PHE A 75 11.80 -0.58 6.22
N PRO A 76 12.78 -0.47 5.31
CA PRO A 76 13.23 -1.60 4.49
C PRO A 76 13.98 -2.61 5.36
N VAL A 77 13.86 -3.89 5.08
CA VAL A 77 14.43 -4.91 5.95
C VAL A 77 15.05 -6.04 5.14
N GLU A 78 15.93 -6.81 5.78
CA GLU A 78 16.42 -8.04 5.16
C GLU A 78 15.28 -9.03 5.00
N GLY A 79 15.51 -10.03 4.17
CA GLY A 79 14.50 -11.04 3.93
C GLY A 79 14.42 -11.92 5.14
N GLY A 80 13.32 -12.65 5.26
CA GLY A 80 13.13 -13.59 6.36
C GLY A 80 12.48 -12.95 7.57
N VAL A 81 12.40 -11.62 7.55
CA VAL A 81 11.76 -10.84 8.61
C VAL A 81 10.26 -11.06 8.62
N GLU A 82 9.68 -11.15 9.82
CA GLU A 82 8.24 -11.24 9.93
C GLU A 82 7.65 -10.16 10.82
N GLY A 83 6.40 -9.82 10.55
CA GLY A 83 5.72 -8.75 11.25
C GLY A 83 4.88 -9.35 12.34
N SER A 84 4.20 -8.51 13.08
CA SER A 84 3.31 -8.97 14.12
C SER A 84 2.48 -7.78 14.52
N GLY A 85 1.26 -8.12 14.93
CA GLY A 85 0.26 -7.15 15.27
C GLY A 85 -0.11 -6.43 14.00
N ARG A 86 -0.09 -5.13 14.06
CA ARG A 86 -0.41 -4.35 12.91
C ARG A 86 0.84 -4.15 12.05
N VAL A 87 2.02 -4.59 12.44
CA VAL A 87 3.23 -4.39 11.63
C VAL A 87 3.28 -5.56 10.66
N VAL A 88 3.34 -5.26 9.37
CA VAL A 88 3.20 -6.29 8.36
C VAL A 88 4.37 -6.31 7.39
N THR A 89 4.60 -7.46 6.78
CA THR A 89 5.57 -7.58 5.70
C THR A 89 5.01 -7.16 4.35
N GLY A 90 5.69 -6.22 3.74
CA GLY A 90 5.31 -5.73 2.44
C GLY A 90 6.53 -5.34 1.66
N LEU A 91 6.40 -4.29 0.86
CA LEU A 91 7.49 -3.87 -0.01
C LEU A 91 7.58 -2.36 -0.06
N THR A 92 8.75 -1.87 -0.43
CA THR A 92 8.95 -0.46 -0.71
C THR A 92 8.33 -0.18 -2.06
N PRO A 93 8.16 1.11 -2.42
CA PRO A 93 7.58 1.44 -3.74
C PRO A 93 8.32 0.91 -4.97
N SER A 94 7.53 0.48 -5.96
CA SER A 94 8.05 0.07 -7.24
C SER A 94 7.53 1.01 -8.32
N GLY A 95 8.35 1.18 -9.35
CA GLY A 95 7.95 1.94 -10.51
C GLY A 95 8.67 3.26 -10.60
N LYS A 96 8.14 4.13 -11.44
CA LYS A 96 8.81 5.39 -11.72
C LYS A 96 8.33 6.44 -10.77
N ALA A 97 9.23 7.36 -10.43
CA ALA A 97 8.92 8.50 -9.57
C ALA A 97 9.70 9.73 -9.99
N ALA A 98 9.09 10.89 -9.86
CA ALA A 98 9.79 12.16 -9.95
C ALA A 98 10.38 12.52 -8.61
N SER A 99 11.69 12.55 -8.49
CA SER A 99 12.34 12.56 -7.20
C SER A 99 13.39 13.66 -7.01
N SER A 100 13.49 14.16 -5.79
CA SER A 100 14.46 15.17 -5.46
C SER A 100 14.86 15.02 -4.02
N LEU A 101 16.11 15.30 -3.74
CA LEU A 101 16.55 15.44 -2.40
C LEU A 101 16.29 16.84 -1.88
N TYR A 102 15.81 16.89 -0.65
CA TYR A 102 15.55 18.15 0.02
C TYR A 102 16.33 18.21 1.32
N ILE A 103 16.86 19.39 1.62
CA ILE A 103 17.56 19.66 2.88
C ILE A 103 16.98 20.90 3.57
N GLY A 104 16.48 20.72 4.79
CA GLY A 104 15.83 21.80 5.52
C GLY A 104 14.75 21.24 6.43
N PRO A 105 14.00 22.12 7.15
CA PRO A 105 12.87 21.64 7.96
C PRO A 105 11.71 21.07 7.14
N TYR A 106 11.05 20.03 7.68
CA TYR A 106 9.88 19.43 7.03
CA TYR A 106 9.90 19.43 7.03
C TYR A 106 8.80 20.46 6.75
N GLY A 107 8.83 21.58 7.48
CA GLY A 107 7.79 22.59 7.37
C GLY A 107 7.81 23.32 6.05
N GLU A 108 9.01 23.51 5.52
CA GLU A 108 9.21 24.20 4.27
C GLU A 108 9.29 23.21 3.08
N ILE A 109 8.88 21.97 3.30
CA ILE A 109 8.98 20.91 2.30
C ILE A 109 7.98 21.09 1.16
N GLU A 110 6.98 21.95 1.37
CA GLU A 110 5.94 22.21 0.38
C GLU A 110 6.54 22.71 -0.93
N ALA A 111 7.60 23.48 -0.80
CA ALA A 111 8.27 24.06 -1.93
C ALA A 111 8.82 23.04 -2.90
N VAL A 112 9.27 21.92 -2.36
CA VAL A 112 9.87 20.84 -3.15
C VAL A 112 8.78 20.09 -3.89
N TYR A 113 7.63 19.93 -3.24
CA TYR A 113 6.48 19.40 -3.93
C TYR A 113 6.03 20.35 -5.06
N ASP A 114 5.99 21.66 -4.80
CA ASP A 114 5.66 22.67 -5.83
C ASP A 114 6.54 22.48 -7.07
N ALA A 115 7.86 22.49 -6.83
CA ALA A 115 8.86 22.45 -7.87
C ALA A 115 8.81 21.13 -8.61
N LEU A 116 8.51 20.06 -7.89
CA LEU A 116 8.40 18.74 -8.49
C LEU A 116 7.17 18.64 -9.37
N MET A 117 6.11 19.33 -8.97
CA MET A 117 4.89 19.34 -9.76
C MET A 117 5.03 20.20 -11.01
N LYS A 118 5.84 21.25 -10.93
CA LYS A 118 6.12 22.06 -12.13
C LYS A 118 6.99 21.27 -13.09
N TRP A 119 7.94 20.52 -12.55
CA TRP A 119 8.90 19.76 -13.34
C TRP A 119 8.25 18.56 -14.04
N VAL A 120 7.23 18.00 -13.41
CA VAL A 120 6.49 16.85 -13.96
C VAL A 120 5.62 17.26 -15.14
N ASP A 121 5.00 18.41 -14.95
CA ASP A 121 4.15 19.04 -15.92
C ASP A 121 4.93 19.45 -17.17
N ASP A 122 6.01 20.19 -16.97
CA ASP A 122 6.93 20.55 -18.05
C ASP A 122 7.44 19.37 -18.88
N ASN A 123 7.79 18.27 -18.24
CA ASN A 123 8.35 17.10 -18.91
C ASN A 123 7.26 16.08 -19.27
N GLY A 124 6.02 16.48 -19.10
CA GLY A 124 4.90 15.74 -19.67
C GLY A 124 4.67 14.40 -19.03
N PHE A 125 4.89 14.35 -17.72
CA PHE A 125 4.66 13.14 -16.96
C PHE A 125 3.34 13.24 -16.24
N ASP A 126 2.80 12.08 -15.86
CA ASP A 126 1.51 12.01 -15.19
C ASP A 126 1.63 11.33 -13.82
N LEU A 127 0.93 11.88 -12.82
CA LEU A 127 1.06 11.44 -11.44
C LEU A 127 -0.03 10.46 -10.98
N SER A 128 0.34 9.54 -10.10
CA SER A 128 -0.62 8.59 -9.52
C SER A 128 -1.36 9.22 -8.35
N GLY A 129 -0.74 10.23 -7.72
CA GLY A 129 -1.33 10.95 -6.61
C GLY A 129 -0.61 10.59 -5.34
N GLU A 130 0.28 9.63 -5.46
CA GLU A 130 1.00 9.13 -4.32
C GLU A 130 2.35 9.80 -4.15
N ALA A 131 2.68 10.10 -2.91
CA ALA A 131 3.94 10.69 -2.56
C ALA A 131 4.72 9.72 -1.70
N TYR A 132 6.03 9.79 -1.79
CA TYR A 132 6.93 8.86 -1.13
C TYR A 132 8.06 9.65 -0.54
N GLU A 133 8.19 9.63 0.79
CA GLU A 133 9.26 10.34 1.48
C GLU A 133 10.17 9.40 2.25
N ILE A 134 11.47 9.62 2.11
CA ILE A 134 12.47 8.88 2.85
C ILE A 134 13.17 9.83 3.81
N TYR A 135 13.15 9.44 5.08
CA TYR A 135 13.68 10.25 6.15
C TYR A 135 15.08 9.75 6.47
N LEU A 136 16.06 10.41 5.85
CA LEU A 136 17.43 9.94 5.83
C LEU A 136 18.10 10.21 7.16
N ASP A 137 17.58 11.25 7.80
CA ASP A 137 18.05 11.67 9.09
C ASP A 137 16.90 11.64 10.07
N ASN A 138 17.24 11.33 11.31
CA ASN A 138 16.35 11.41 12.45
C ASN A 138 16.26 12.87 12.84
N PRO A 139 15.06 13.47 12.75
CA PRO A 139 14.95 14.91 12.97
C PRO A 139 15.28 15.36 14.40
N ALA A 140 15.02 14.47 15.36
CA ALA A 140 15.33 14.73 16.73
C ALA A 140 16.81 15.04 16.95
N GLU A 141 17.66 14.36 16.18
CA GLU A 141 19.09 14.36 16.38
C GLU A 141 19.85 15.13 15.34
N THR A 142 19.13 15.83 14.49
CA THR A 142 19.72 16.44 13.32
C THR A 142 19.29 17.89 13.23
N ALA A 143 20.29 18.74 12.98
CA ALA A 143 20.07 20.15 12.86
C ALA A 143 19.12 20.35 11.72
N PRO A 144 18.18 21.30 11.86
CA PRO A 144 17.25 21.54 10.75
C PRO A 144 17.93 21.92 9.41
N ASP A 145 18.96 22.76 9.43
CA ASP A 145 19.65 23.17 8.21
C ASP A 145 20.44 22.02 7.55
N GLN A 146 20.41 20.85 8.17
CA GLN A 146 21.14 19.70 7.68
C GLN A 146 20.21 18.47 7.54
N LEU A 147 18.89 18.70 7.59
CA LEU A 147 17.93 17.58 7.61
C LEU A 147 17.57 17.10 6.21
N ARG A 148 17.98 15.87 5.88
CA ARG A 148 17.83 15.34 4.54
C ARG A 148 16.58 14.50 4.39
N THR A 149 15.75 14.87 3.42
CA THR A 149 14.60 14.06 3.02
C THR A 149 14.60 13.92 1.51
N ARG A 150 14.42 12.70 1.05
CA ARG A 150 14.15 12.48 -0.35
C ARG A 150 12.65 12.45 -0.58
N VAL A 151 12.20 13.29 -1.49
CA VAL A 151 10.81 13.45 -1.83
C VAL A 151 10.56 12.89 -3.23
N SER A 152 9.57 11.99 -3.36
CA SER A 152 9.22 11.36 -4.63
C SER A 152 7.74 11.38 -4.87
N LEU A 153 7.37 11.77 -6.08
CA LEU A 153 6.00 11.70 -6.55
C LEU A 153 5.91 10.58 -7.53
N MET A 154 5.07 9.62 -7.21
CA MET A 154 4.91 8.43 -8.02
C MET A 154 4.22 8.73 -9.32
N LEU A 155 4.72 8.17 -10.42
CA LEU A 155 4.17 8.44 -11.74
C LEU A 155 3.10 7.42 -12.10
N HIS A 156 2.15 7.86 -12.93
CA HIS A 156 0.99 7.08 -13.35
C HIS A 156 1.34 6.04 -14.41
N GLU A 157 0.47 5.04 -14.56
CA GLU A 157 0.65 3.99 -15.57
C GLU A 157 0.92 4.57 -16.96
N SER A 158 1.33 3.70 -17.88
CA SER A 158 1.58 4.10 -19.26
C SER A 158 0.31 4.63 -19.94
N ASP B 2 -5.69 -28.79 -5.14
CA ASP B 2 -6.94 -29.00 -5.85
C ASP B 2 -7.13 -27.96 -6.94
N PHE B 3 -6.09 -27.18 -7.21
CA PHE B 3 -6.12 -26.16 -8.23
C PHE B 3 -4.86 -26.24 -9.05
N GLU B 4 -4.96 -26.04 -10.36
CA GLU B 4 -3.79 -26.10 -11.22
C GLU B 4 -3.43 -24.72 -11.79
N CYS B 5 -2.13 -24.42 -11.82
CA CYS B 5 -1.61 -23.15 -12.32
C CYS B 5 -0.90 -23.26 -13.67
N GLN B 6 -0.69 -24.46 -14.16
CA GLN B 6 0.08 -24.67 -15.38
C GLN B 6 -0.39 -23.85 -16.57
N PHE B 7 -1.69 -23.60 -16.63
CA PHE B 7 -2.30 -22.94 -17.78
C PHE B 7 -2.80 -21.55 -17.50
N VAL B 8 -3.51 -21.40 -16.39
CA VAL B 8 -4.30 -20.19 -16.17
C VAL B 8 -3.57 -19.11 -15.39
N CYS B 9 -2.60 -19.49 -14.58
CA CYS B 9 -1.93 -18.51 -13.74
C CYS B 9 -0.99 -17.66 -14.55
N GLU B 10 -0.88 -16.39 -14.22
CA GLU B 10 0.01 -15.53 -14.97
C GLU B 10 0.67 -14.41 -14.18
N LEU B 11 1.63 -13.77 -14.84
CA LEU B 11 2.35 -12.67 -14.25
C LEU B 11 1.65 -11.41 -14.70
N LYS B 12 1.29 -10.57 -13.74
CA LYS B 12 0.59 -9.34 -14.02
C LYS B 12 1.31 -8.17 -13.38
N GLU B 13 1.38 -7.06 -14.11
CA GLU B 13 1.98 -5.87 -13.57
C GLU B 13 0.77 -5.08 -13.16
N LEU B 14 0.55 -4.99 -11.85
CA LEU B 14 -0.60 -4.29 -11.33
C LEU B 14 -0.39 -2.81 -11.35
N ALA B 15 -1.40 -2.11 -11.82
CA ALA B 15 -1.39 -0.67 -11.90
C ALA B 15 -2.35 -0.12 -10.87
N PRO B 16 -1.87 0.80 -10.04
CA PRO B 16 -2.73 1.31 -8.97
C PRO B 16 -3.83 2.23 -9.48
N VAL B 17 -5.02 2.01 -8.94
CA VAL B 17 -6.15 2.89 -9.15
C VAL B 17 -6.66 3.43 -7.80
N PRO B 18 -7.31 4.61 -7.81
CA PRO B 18 -7.84 5.11 -6.55
C PRO B 18 -8.98 4.28 -5.98
N ALA B 19 -9.11 4.35 -4.67
CA ALA B 19 -10.11 3.62 -3.95
C ALA B 19 -10.48 4.29 -2.64
N LEU B 20 -11.60 3.87 -2.07
CA LEU B 20 -12.06 4.28 -0.76
C LEU B 20 -11.90 2.99 0.02
N LEU B 21 -11.25 3.08 1.15
CA LEU B 21 -10.95 1.90 1.92
C LEU B 21 -10.83 2.08 3.42
N ILE B 22 -10.76 0.93 4.06
CA ILE B 22 -10.64 0.77 5.48
C ILE B 22 -9.45 -0.13 5.79
N ARG B 23 -8.68 0.25 6.79
CA ARG B 23 -7.53 -0.50 7.26
C ARG B 23 -7.71 -0.82 8.74
N THR B 24 -7.69 -2.09 9.08
CA THR B 24 -7.88 -2.50 10.44
C THR B 24 -7.42 -3.92 10.77
N GLN B 25 -7.52 -4.25 12.04
CA GLN B 25 -7.17 -5.55 12.57
C GLN B 25 -8.46 -6.33 12.72
N THR B 26 -8.42 -7.63 12.51
CA THR B 26 -9.60 -8.47 12.68
C THR B 26 -9.19 -9.92 12.85
N THR B 27 -10.19 -10.79 12.95
CA THR B 27 -9.98 -12.23 13.13
C THR B 27 -10.81 -12.94 12.09
N MET B 28 -10.54 -14.20 11.80
CA MET B 28 -11.25 -14.87 10.71
C MET B 28 -12.75 -14.94 11.02
N SER B 29 -13.10 -14.89 12.29
CA SER B 29 -14.47 -15.08 12.71
C SER B 29 -15.24 -13.76 12.69
N GLU B 30 -14.53 -12.64 12.76
CA GLU B 30 -15.13 -11.33 12.69
C GLU B 30 -15.14 -10.77 11.27
N LEU B 31 -14.50 -11.46 10.32
CA LEU B 31 -14.17 -10.90 9.02
C LEU B 31 -15.39 -10.66 8.14
N GLY B 32 -16.27 -11.66 8.05
CA GLY B 32 -17.50 -11.56 7.30
C GLY B 32 -18.41 -10.41 7.71
N SER B 33 -18.64 -10.27 9.01
CA SER B 33 -19.34 -9.14 9.61
C SER B 33 -18.68 -7.78 9.37
N LEU B 34 -17.35 -7.74 9.44
CA LEU B 34 -16.57 -6.54 9.19
C LEU B 34 -16.78 -6.04 7.78
N PHE B 35 -16.59 -6.95 6.83
CA PHE B 35 -16.75 -6.67 5.43
C PHE B 35 -18.16 -6.15 5.13
N GLU B 36 -19.19 -6.86 5.59
CA GLU B 36 -20.58 -6.45 5.38
C GLU B 36 -20.84 -5.04 5.87
N ALA B 37 -20.43 -4.81 7.11
CA ALA B 37 -20.48 -3.49 7.72
C ALA B 37 -19.70 -2.42 6.94
N GLY B 38 -18.41 -2.67 6.73
CA GLY B 38 -17.52 -1.68 6.13
C GLY B 38 -17.78 -1.42 4.67
N TYR B 39 -18.11 -2.45 3.90
CA TYR B 39 -18.39 -2.25 2.50
C TYR B 39 -19.65 -1.43 2.35
N HIS B 40 -20.64 -1.68 3.21
CA HIS B 40 -21.88 -0.93 3.20
C HIS B 40 -21.59 0.53 3.53
N ASP B 41 -20.77 0.79 4.53
CA ASP B 41 -20.44 2.14 4.90
C ASP B 41 -19.78 2.91 3.76
N ILE B 42 -18.93 2.22 3.01
CA ILE B 42 -18.22 2.81 1.90
C ILE B 42 -19.21 3.16 0.79
N LEU B 43 -20.12 2.22 0.50
CA LEU B 43 -21.12 2.44 -0.51
C LEU B 43 -21.99 3.63 -0.15
N GLN B 44 -22.36 3.70 1.11
CA GLN B 44 -23.17 4.78 1.59
C GLN B 44 -22.41 6.08 1.56
N LEU B 45 -21.11 6.04 1.78
CA LEU B 45 -20.31 7.24 1.74
C LEU B 45 -20.19 7.77 0.32
N LEU B 46 -20.16 6.85 -0.63
CA LEU B 46 -20.11 7.15 -2.04
C LEU B 46 -21.41 7.79 -2.51
N ALA B 47 -22.52 7.14 -2.20
CA ALA B 47 -23.84 7.67 -2.50
C ALA B 47 -24.06 9.03 -1.83
N GLY B 48 -23.47 9.19 -0.65
CA GLY B 48 -23.52 10.43 0.09
C GLY B 48 -22.92 11.61 -0.61
N GLN B 49 -21.97 11.36 -1.50
CA GLN B 49 -21.36 12.42 -2.29
C GLN B 49 -21.68 12.27 -3.79
N GLY B 50 -22.72 11.52 -4.09
CA GLY B 50 -23.24 11.46 -5.43
C GLY B 50 -22.28 10.77 -6.35
N LYS B 51 -21.67 9.72 -5.85
CA LYS B 51 -20.75 8.91 -6.64
C LYS B 51 -21.03 7.43 -6.47
N SER B 52 -20.35 6.67 -7.30
CA SER B 52 -20.49 5.24 -7.31
C SER B 52 -19.12 4.60 -7.49
N PRO B 53 -19.00 3.34 -7.09
CA PRO B 53 -17.78 2.58 -7.33
C PRO B 53 -17.51 2.27 -8.80
N SER B 54 -16.23 2.14 -9.12
CA SER B 54 -15.79 1.90 -10.50
C SER B 54 -15.28 0.49 -10.75
N GLY B 55 -15.53 -0.39 -9.80
CA GLY B 55 -15.10 -1.75 -9.94
C GLY B 55 -15.52 -2.53 -8.71
N PRO B 56 -15.35 -3.85 -8.77
CA PRO B 56 -15.74 -4.68 -7.64
C PRO B 56 -14.87 -4.38 -6.41
N PRO B 57 -15.42 -4.88 -5.24
CA PRO B 57 -14.63 -4.63 -4.05
C PRO B 57 -13.44 -5.59 -3.96
N PHE B 58 -12.46 -5.17 -3.17
CA PHE B 58 -11.24 -5.90 -2.95
C PHE B 58 -10.79 -5.90 -1.48
N ALA B 59 -9.85 -6.78 -1.19
CA ALA B 59 -9.24 -6.91 0.10
C ALA B 59 -7.79 -7.28 -0.05
N ARG B 60 -6.97 -6.75 0.82
CA ARG B 60 -5.56 -7.04 0.88
C ARG B 60 -5.26 -7.58 2.25
N TYR B 61 -4.46 -8.62 2.25
CA TYR B 61 -4.06 -9.31 3.43
C TYR B 61 -2.54 -9.40 3.48
N PHE B 62 -2.01 -9.67 4.65
CA PHE B 62 -0.58 -9.73 4.81
C PHE B 62 -0.09 -10.98 5.54
N GLY B 63 -0.35 -12.12 4.91
CA GLY B 63 0.07 -13.37 5.46
C GLY B 63 -0.81 -13.60 6.62
N MET B 64 -2.10 -13.39 6.39
CA MET B 64 -3.08 -13.56 7.45
C MET B 64 -2.89 -14.94 8.10
N SER B 65 -2.71 -14.96 9.42
CA SER B 65 -2.48 -16.20 10.16
C SER B 65 -3.68 -16.49 11.04
N ALA B 66 -3.51 -17.39 12.00
CA ALA B 66 -4.47 -17.54 13.08
C ALA B 66 -4.29 -16.37 14.06
N GLY B 67 -5.35 -16.08 14.80
CA GLY B 67 -5.37 -14.95 15.70
C GLY B 67 -5.80 -13.69 14.97
N THR B 68 -5.31 -12.55 15.43
CA THR B 68 -5.56 -11.30 14.76
C THR B 68 -4.70 -11.21 13.51
N PHE B 69 -5.09 -10.35 12.59
CA PHE B 69 -4.33 -10.10 11.37
C PHE B 69 -4.78 -8.81 10.75
N GLU B 70 -3.91 -8.18 10.00
CA GLU B 70 -4.20 -6.93 9.35
C GLU B 70 -4.95 -7.10 8.04
N VAL B 71 -5.87 -6.21 7.77
CA VAL B 71 -6.62 -6.24 6.55
C VAL B 71 -6.93 -4.86 6.02
N GLU B 72 -7.03 -4.77 4.72
CA GLU B 72 -7.42 -3.55 4.04
C GLU B 72 -8.52 -3.98 3.06
N PHE B 73 -9.62 -3.27 3.07
CA PHE B 73 -10.72 -3.59 2.18
C PHE B 73 -11.39 -2.31 1.68
N GLY B 74 -11.90 -2.36 0.47
CA GLY B 74 -12.55 -1.23 -0.15
C GLY B 74 -13.08 -1.38 -1.55
N PHE B 75 -13.37 -0.24 -2.16
CA PHE B 75 -13.90 -0.17 -3.50
C PHE B 75 -13.05 0.75 -4.32
N PRO B 76 -12.77 0.37 -5.56
CA PRO B 76 -12.15 1.35 -6.43
C PRO B 76 -13.14 2.46 -6.79
N VAL B 77 -12.67 3.69 -6.90
CA VAL B 77 -13.56 4.81 -7.18
C VAL B 77 -13.08 5.73 -8.29
N GLU B 78 -14.05 6.43 -8.88
CA GLU B 78 -13.78 7.48 -9.82
C GLU B 78 -13.13 8.62 -9.09
N GLY B 79 -12.68 9.62 -9.83
CA GLY B 79 -11.88 10.68 -9.25
C GLY B 79 -12.75 11.66 -8.52
N GLY B 80 -12.17 12.40 -7.58
CA GLY B 80 -12.90 13.46 -6.88
C GLY B 80 -13.61 13.04 -5.60
N VAL B 81 -13.40 11.80 -5.18
CA VAL B 81 -14.00 11.23 -3.98
C VAL B 81 -13.26 11.63 -2.72
N GLU B 82 -13.98 11.77 -1.62
CA GLU B 82 -13.39 12.07 -0.35
C GLU B 82 -13.95 11.07 0.68
N GLY B 83 -13.16 10.77 1.69
CA GLY B 83 -13.54 9.81 2.70
C GLY B 83 -14.00 10.51 3.95
N SER B 84 -14.32 9.73 4.96
CA SER B 84 -14.77 10.25 6.23
C SER B 84 -14.49 9.26 7.33
N GLY B 85 -13.98 9.75 8.45
CA GLY B 85 -13.64 8.89 9.56
C GLY B 85 -12.48 7.98 9.23
N ARG B 86 -12.63 6.70 9.51
CA ARG B 86 -11.60 5.74 9.22
C ARG B 86 -11.64 5.34 7.75
N VAL B 87 -12.59 5.88 6.99
CA VAL B 87 -12.68 5.56 5.58
C VAL B 87 -11.90 6.59 4.79
N VAL B 88 -10.79 6.14 4.26
CA VAL B 88 -9.89 6.99 3.53
C VAL B 88 -9.68 6.66 2.07
N THR B 89 -9.08 7.61 1.37
CA THR B 89 -8.73 7.44 0.00
C THR B 89 -7.30 6.91 -0.07
N GLY B 90 -7.05 6.09 -1.07
CA GLY B 90 -5.76 5.50 -1.31
C GLY B 90 -5.69 4.80 -2.65
N LEU B 91 -4.67 3.99 -2.86
CA LEU B 91 -4.51 3.29 -4.11
C LEU B 91 -4.43 1.80 -3.91
N THR B 92 -4.84 1.06 -4.91
CA THR B 92 -4.79 -0.37 -4.89
C THR B 92 -3.35 -0.77 -5.15
N PRO B 93 -3.09 -2.12 -5.03
CA PRO B 93 -1.69 -2.50 -5.23
C PRO B 93 -1.04 -2.24 -6.60
N SER B 94 0.25 -1.96 -6.62
CA SER B 94 0.98 -1.75 -7.85
C SER B 94 2.20 -2.65 -7.90
N GLY B 95 2.58 -3.12 -9.07
CA GLY B 95 3.74 -3.98 -9.19
C GLY B 95 3.43 -5.38 -9.65
N LYS B 96 4.47 -6.18 -9.74
CA LYS B 96 4.35 -7.56 -10.20
C LYS B 96 3.63 -8.46 -9.20
N ALA B 97 2.79 -9.35 -9.75
CA ALA B 97 2.05 -10.30 -8.95
C ALA B 97 1.79 -11.57 -9.72
N ALA B 98 1.58 -12.66 -9.00
CA ALA B 98 1.24 -13.94 -9.59
C ALA B 98 -0.25 -13.96 -9.35
N SER B 99 -1.04 -14.05 -10.41
CA SER B 99 -2.48 -13.98 -10.28
C SER B 99 -3.30 -15.06 -10.95
N SER B 100 -4.48 -15.30 -10.39
CA SER B 100 -5.37 -16.29 -10.94
C SER B 100 -6.80 -15.96 -10.56
N LEU B 101 -7.72 -16.29 -11.45
CA LEU B 101 -9.12 -16.26 -11.10
C LEU B 101 -9.56 -17.60 -10.56
N TYR B 102 -10.22 -17.54 -9.42
CA TYR B 102 -10.74 -18.70 -8.74
C TYR B 102 -12.26 -18.67 -8.70
N ILE B 103 -12.89 -19.80 -9.04
CA ILE B 103 -14.33 -19.96 -8.92
C ILE B 103 -14.70 -21.07 -7.95
N GLY B 104 -15.54 -20.73 -6.99
CA GLY B 104 -15.94 -21.66 -5.97
C GLY B 104 -16.00 -20.90 -4.67
N PRO B 105 -16.25 -21.62 -3.57
CA PRO B 105 -16.37 -21.16 -2.18
C PRO B 105 -15.15 -20.46 -1.62
N TYR B 106 -15.30 -19.38 -0.85
CA TYR B 106 -14.15 -18.75 -0.21
CA TYR B 106 -14.15 -18.73 -0.23
C TYR B 106 -13.46 -19.75 0.68
N GLY B 107 -14.25 -20.69 1.21
CA GLY B 107 -13.75 -21.69 2.12
C GLY B 107 -12.74 -22.64 1.52
N GLU B 108 -12.77 -22.79 0.20
CA GLU B 108 -11.86 -23.68 -0.50
C GLU B 108 -10.76 -22.91 -1.25
N ILE B 109 -10.60 -21.62 -0.93
CA ILE B 109 -9.61 -20.77 -1.58
C ILE B 109 -8.14 -21.07 -1.23
N GLU B 110 -7.93 -21.89 -0.21
CA GLU B 110 -6.57 -22.25 0.17
C GLU B 110 -5.89 -22.95 -1.00
N ALA B 111 -6.68 -23.64 -1.80
CA ALA B 111 -6.15 -24.36 -2.96
C ALA B 111 -5.49 -23.44 -3.97
N VAL B 112 -6.11 -22.30 -4.25
CA VAL B 112 -5.55 -21.36 -5.20
C VAL B 112 -4.23 -20.81 -4.68
N TYR B 113 -4.20 -20.53 -3.38
CA TYR B 113 -2.99 -20.01 -2.76
C TYR B 113 -1.82 -21.00 -2.82
N ASP B 114 -2.10 -22.28 -2.57
CA ASP B 114 -1.05 -23.28 -2.61
C ASP B 114 -0.48 -23.36 -4.02
N ALA B 115 -1.38 -23.36 -5.00
CA ALA B 115 -0.98 -23.45 -6.40
C ALA B 115 -0.17 -22.24 -6.85
N LEU B 116 -0.59 -21.06 -6.45
CA LEU B 116 0.10 -19.85 -6.83
C LEU B 116 1.50 -19.87 -6.24
N MET B 117 1.63 -20.33 -5.01
CA MET B 117 2.92 -20.41 -4.35
C MET B 117 3.83 -21.41 -5.06
N LYS B 118 3.29 -22.54 -5.49
CA LYS B 118 4.09 -23.53 -6.21
C LYS B 118 4.56 -22.95 -7.52
N TRP B 119 3.65 -22.28 -8.20
CA TRP B 119 3.90 -21.67 -9.50
C TRP B 119 4.99 -20.63 -9.35
N VAL B 120 4.83 -19.77 -8.36
CA VAL B 120 5.82 -18.75 -8.11
C VAL B 120 7.20 -19.38 -7.87
N ASP B 121 7.21 -20.48 -7.12
CA ASP B 121 8.45 -21.12 -6.74
C ASP B 121 9.09 -21.75 -7.94
N ASP B 122 8.27 -22.41 -8.75
CA ASP B 122 8.73 -23.10 -9.96
C ASP B 122 9.18 -22.10 -11.04
N ASN B 123 8.76 -20.84 -10.91
CA ASN B 123 9.05 -19.79 -11.89
C ASN B 123 10.13 -18.78 -11.44
N GLY B 124 10.74 -19.03 -10.28
CA GLY B 124 11.87 -18.24 -9.81
C GLY B 124 11.49 -16.84 -9.37
N PHE B 125 10.61 -16.78 -8.36
CA PHE B 125 10.16 -15.53 -7.82
C PHE B 125 9.98 -15.57 -6.32
N ASP B 126 9.94 -14.39 -5.71
CA ASP B 126 9.83 -14.25 -4.27
C ASP B 126 8.55 -13.54 -3.90
N LEU B 127 7.93 -14.00 -2.82
CA LEU B 127 6.72 -13.39 -2.30
C LEU B 127 6.96 -12.30 -1.26
N SER B 128 6.12 -11.28 -1.24
CA SER B 128 6.23 -10.18 -0.29
C SER B 128 5.49 -10.47 1.01
N GLY B 129 4.50 -11.34 0.92
CA GLY B 129 3.67 -11.67 2.04
C GLY B 129 2.27 -11.13 1.81
N GLU B 130 2.18 -10.10 0.96
CA GLU B 130 0.91 -9.47 0.61
C GLU B 130 0.04 -10.26 -0.39
N ALA B 131 -1.22 -10.45 -0.06
CA ALA B 131 -2.18 -11.09 -0.92
C ALA B 131 -3.28 -10.04 -1.30
N TYR B 132 -3.74 -10.09 -2.54
CA TYR B 132 -4.75 -9.18 -3.06
C TYR B 132 -5.91 -9.98 -3.63
N GLU B 133 -7.09 -9.75 -3.11
CA GLU B 133 -8.27 -10.47 -3.55
C GLU B 133 -9.32 -9.52 -4.09
N ILE B 134 -9.90 -9.87 -5.21
CA ILE B 134 -10.96 -9.07 -5.81
C ILE B 134 -12.21 -9.92 -5.92
N TYR B 135 -13.28 -9.43 -5.33
CA TYR B 135 -14.54 -10.12 -5.23
C TYR B 135 -15.49 -9.68 -6.33
N LEU B 136 -15.53 -10.49 -7.38
CA LEU B 136 -16.23 -10.18 -8.62
C LEU B 136 -17.73 -10.36 -8.49
N ASP B 137 -18.11 -11.18 -7.52
CA ASP B 137 -19.49 -11.45 -7.23
C ASP B 137 -19.79 -11.13 -5.76
N ASN B 138 -20.99 -10.60 -5.53
CA ASN B 138 -21.59 -10.50 -4.21
C ASN B 138 -21.93 -11.93 -3.76
N PRO B 139 -21.29 -12.41 -2.69
CA PRO B 139 -21.45 -13.79 -2.21
C PRO B 139 -22.80 -14.10 -1.60
N ALA B 140 -23.47 -13.08 -1.12
CA ALA B 140 -24.83 -13.21 -0.66
C ALA B 140 -25.75 -13.66 -1.80
N GLU B 141 -25.45 -13.17 -3.00
CA GLU B 141 -26.32 -13.31 -4.16
C GLU B 141 -25.83 -14.25 -5.25
N THR B 142 -24.80 -15.03 -4.94
CA THR B 142 -24.13 -15.85 -5.93
C THR B 142 -23.99 -17.27 -5.43
N ALA B 143 -24.40 -18.22 -6.26
CA ALA B 143 -24.16 -19.60 -5.98
C ALA B 143 -22.68 -19.79 -5.70
N PRO B 144 -22.33 -20.46 -4.61
CA PRO B 144 -20.94 -20.83 -4.31
C PRO B 144 -20.18 -21.41 -5.50
N ASP B 145 -20.80 -22.30 -6.24
CA ASP B 145 -20.13 -22.96 -7.34
C ASP B 145 -19.84 -22.04 -8.51
N GLN B 146 -20.43 -20.84 -8.48
CA GLN B 146 -20.24 -19.83 -9.52
C GLN B 146 -19.50 -18.59 -9.02
N LEU B 147 -19.04 -18.63 -7.77
CA LEU B 147 -18.46 -17.47 -7.10
C LEU B 147 -17.01 -17.18 -7.51
N ARG B 148 -16.81 -15.99 -8.09
CA ARG B 148 -15.55 -15.61 -8.72
C ARG B 148 -14.69 -14.71 -7.86
N THR B 149 -13.43 -15.09 -7.62
CA THR B 149 -12.48 -14.26 -6.89
C THR B 149 -11.15 -14.24 -7.63
N ARG B 150 -10.60 -13.04 -7.82
CA ARG B 150 -9.29 -12.92 -8.45
C ARG B 150 -8.27 -12.81 -7.31
N VAL B 151 -7.33 -13.73 -7.28
CA VAL B 151 -6.30 -13.79 -6.26
C VAL B 151 -4.98 -13.42 -6.89
N SER B 152 -4.27 -12.53 -6.24
CA SER B 152 -2.97 -12.14 -6.73
C SER B 152 -2.01 -12.11 -5.57
N LEU B 153 -0.87 -12.76 -5.73
CA LEU B 153 0.16 -12.69 -4.70
C LEU B 153 1.26 -11.77 -5.20
N MET B 154 1.56 -10.74 -4.41
CA MET B 154 2.54 -9.74 -4.79
C MET B 154 3.95 -10.27 -4.65
N LEU B 155 4.80 -9.87 -5.59
CA LEU B 155 6.13 -10.42 -5.67
C LEU B 155 7.20 -9.36 -5.66
N HIS B 156 8.40 -9.78 -5.28
CA HIS B 156 9.60 -9.00 -5.51
C HIS B 156 10.70 -9.94 -5.97
N GLU B 157 11.79 -9.38 -6.46
CA GLU B 157 12.88 -10.16 -7.02
C GLU B 157 14.06 -10.15 -6.08
N SER B 158 14.55 -11.35 -5.76
CA SER B 158 15.71 -11.52 -4.90
C SER B 158 16.83 -12.21 -5.68
#